data_2ZQ5
#
_entry.id   2ZQ5
#
_cell.length_a   40.864
_cell.length_b   95.761
_cell.length_c   48.038
_cell.angle_alpha   90.00
_cell.angle_beta   106.43
_cell.angle_gamma   90.00
#
_symmetry.space_group_name_H-M   'P 1 21 1'
#
loop_
_entity.id
_entity.type
_entity.pdbx_description
1 polymer 'Putative uncharacterized protein'
2 water water
#
_entity_poly.entity_id   1
_entity_poly.type   'polypeptide(L)'
_entity_poly.pdbx_seq_one_letter_code
;MTRRPDRKDVATVDELHASATKLVGLDDFGTDDDNYREALGVLLDAYQGEAGLTVLGSKMNRFFLRGALVARLLSQSAWK
QYPEHVDVAIKRPIFVTGLVRTGTTALHRLLGADPAHQGLHMWLAEYPQPRPPRETWESNPLYRQLDADFTQHHAENPGY
TGLHFMAAYELEECWQLLRQSLHSVSYEALAHVPSYADWLSRQDWTPSYCRHRRNLQLIGLNDAEKRWVLKNPSHLFALD
ALMATYPDALVVQTHRPVETIMASMCSLAQHTTEGWSTKFVGAQIGADAMDTWSRGLERFNAARAKYDSAQFYDVDYHDL
IADPLGTVADIYRHFGLTLSDEARQAMTTVHAESQSGARAPKHSYSLADYGLTVEMVKERFAGL
;
_entity_poly.pdbx_strand_id   A
#
# COMPACT_ATOMS: atom_id res chain seq x y z
N ARG A 7 -24.52 15.55 -4.04
CA ARG A 7 -23.75 16.80 -3.72
C ARG A 7 -22.29 16.48 -3.41
N LYS A 8 -21.69 17.27 -2.53
CA LYS A 8 -20.28 17.08 -2.17
C LYS A 8 -20.08 16.08 -1.02
N ASP A 9 -21.18 15.58 -0.46
CA ASP A 9 -21.08 14.60 0.62
C ASP A 9 -20.58 13.29 0.02
N VAL A 10 -19.85 12.52 0.81
CA VAL A 10 -19.34 11.24 0.34
C VAL A 10 -20.44 10.19 0.48
N ALA A 11 -20.76 9.83 1.72
CA ALA A 11 -21.80 8.84 2.01
C ALA A 11 -21.78 8.50 3.50
N THR A 12 -22.79 7.78 3.96
CA THR A 12 -22.87 7.36 5.36
C THR A 12 -22.31 5.95 5.44
N VAL A 13 -22.01 5.48 6.64
CA VAL A 13 -21.50 4.14 6.83
C VAL A 13 -22.50 3.09 6.32
N ASP A 14 -23.78 3.28 6.66
CA ASP A 14 -24.82 2.36 6.21
C ASP A 14 -24.92 2.35 4.69
N GLU A 15 -24.89 3.54 4.08
CA GLU A 15 -24.99 3.64 2.63
C GLU A 15 -23.84 2.91 1.94
N LEU A 16 -22.63 3.03 2.48
CA LEU A 16 -21.48 2.37 1.88
C LEU A 16 -21.63 0.84 1.94
N HIS A 17 -22.09 0.32 3.07
CA HIS A 17 -22.28 -1.12 3.20
C HIS A 17 -23.35 -1.57 2.21
N ALA A 18 -24.43 -0.81 2.14
CA ALA A 18 -25.52 -1.14 1.23
C ALA A 18 -25.05 -1.13 -0.23
N SER A 19 -24.25 -0.14 -0.61
CA SER A 19 -23.75 -0.06 -1.97
C SER A 19 -22.81 -1.20 -2.30
N ALA A 20 -22.01 -1.62 -1.33
CA ALA A 20 -21.08 -2.72 -1.54
C ALA A 20 -21.89 -4.00 -1.78
N THR A 21 -22.90 -4.21 -0.94
CA THR A 21 -23.74 -5.39 -1.07
C THR A 21 -24.55 -5.36 -2.38
N LYS A 22 -24.96 -4.16 -2.79
CA LYS A 22 -25.74 -4.03 -4.02
C LYS A 22 -24.90 -4.44 -5.23
N LEU A 23 -23.62 -4.11 -5.19
CA LEU A 23 -22.72 -4.43 -6.30
C LEU A 23 -22.41 -5.91 -6.49
N VAL A 24 -22.03 -6.60 -5.42
CA VAL A 24 -21.68 -8.02 -5.53
C VAL A 24 -22.69 -9.01 -4.95
N GLY A 25 -23.66 -8.52 -4.19
CA GLY A 25 -24.66 -9.40 -3.63
C GLY A 25 -24.26 -10.12 -2.35
N LEU A 26 -23.08 -9.79 -1.82
CA LEU A 26 -22.60 -10.40 -0.59
C LEU A 26 -22.94 -9.48 0.59
N ASP A 27 -23.21 -10.06 1.76
CA ASP A 27 -23.53 -9.24 2.92
C ASP A 27 -22.84 -9.63 4.21
N ASP A 28 -21.90 -10.57 4.15
CA ASP A 28 -21.17 -10.98 5.35
C ASP A 28 -19.87 -10.19 5.38
N PHE A 29 -19.85 -9.13 6.16
CA PHE A 29 -18.67 -8.27 6.28
C PHE A 29 -17.71 -8.81 7.35
N GLY A 30 -18.07 -9.95 7.92
CA GLY A 30 -17.23 -10.54 8.95
C GLY A 30 -17.37 -9.79 10.26
N THR A 31 -16.61 -10.20 11.27
CA THR A 31 -16.68 -9.54 12.57
C THR A 31 -15.92 -8.22 12.47
N ASP A 32 -16.06 -7.40 13.49
CA ASP A 32 -15.41 -6.10 13.53
C ASP A 32 -14.19 -6.18 14.44
N ASP A 33 -13.48 -7.31 14.37
CA ASP A 33 -12.29 -7.51 15.18
C ASP A 33 -11.13 -6.62 14.75
N ASP A 34 -11.18 -6.08 13.53
CA ASP A 34 -10.12 -5.20 13.07
C ASP A 34 -10.49 -3.73 13.23
N ASN A 35 -11.60 -3.50 13.92
CA ASN A 35 -12.09 -2.15 14.20
C ASN A 35 -12.29 -1.30 12.95
N TYR A 36 -12.76 -1.93 11.87
CA TYR A 36 -12.95 -1.21 10.62
C TYR A 36 -14.12 -0.23 10.67
N ARG A 37 -15.14 -0.52 11.47
CA ARG A 37 -16.28 0.37 11.56
C ARG A 37 -15.90 1.72 12.16
N GLU A 38 -15.14 1.72 13.25
CA GLU A 38 -14.73 2.98 13.87
C GLU A 38 -13.84 3.73 12.89
N ALA A 39 -12.93 3.01 12.25
CA ALA A 39 -12.02 3.62 11.29
C ALA A 39 -12.79 4.31 10.16
N LEU A 40 -13.78 3.61 9.62
CA LEU A 40 -14.58 4.18 8.53
C LEU A 40 -15.31 5.44 8.99
N GLY A 41 -15.86 5.41 10.20
CA GLY A 41 -16.57 6.57 10.71
C GLY A 41 -15.67 7.77 10.88
N VAL A 42 -14.48 7.55 11.43
CA VAL A 42 -13.51 8.62 11.62
C VAL A 42 -13.06 9.18 10.28
N LEU A 43 -12.84 8.29 9.32
CA LEU A 43 -12.40 8.70 7.99
C LEU A 43 -13.49 9.52 7.29
N LEU A 44 -14.75 9.08 7.39
CA LEU A 44 -15.85 9.80 6.77
C LEU A 44 -16.03 11.18 7.39
N ASP A 45 -15.91 11.26 8.71
CA ASP A 45 -16.04 12.55 9.38
C ASP A 45 -14.94 13.49 8.91
N ALA A 46 -13.75 12.93 8.67
CA ALA A 46 -12.63 13.74 8.21
C ALA A 46 -12.88 14.25 6.80
N TYR A 47 -13.28 13.36 5.90
CA TYR A 47 -13.54 13.76 4.52
C TYR A 47 -14.58 14.86 4.44
N GLN A 48 -15.70 14.63 5.10
CA GLN A 48 -16.81 15.57 5.06
C GLN A 48 -16.65 16.81 5.92
N GLY A 49 -15.70 16.79 6.85
CA GLY A 49 -15.51 17.96 7.71
C GLY A 49 -14.27 18.80 7.46
N GLU A 50 -13.28 18.27 6.75
CA GLU A 50 -12.05 19.02 6.52
C GLU A 50 -11.34 18.81 5.19
N ALA A 51 -11.75 17.80 4.43
CA ALA A 51 -11.08 17.52 3.16
C ALA A 51 -11.44 18.47 2.02
N GLY A 52 -12.44 19.32 2.22
CA GLY A 52 -12.84 20.27 1.19
C GLY A 52 -13.08 19.62 -0.17
N LEU A 53 -13.74 18.46 -0.16
CA LEU A 53 -14.01 17.75 -1.39
C LEU A 53 -14.97 18.45 -2.34
N THR A 54 -14.71 18.29 -3.62
CA THR A 54 -15.56 18.85 -4.67
C THR A 54 -16.58 17.76 -5.01
N VAL A 55 -17.40 18.01 -6.02
CA VAL A 55 -18.38 17.01 -6.44
C VAL A 55 -17.62 15.78 -6.93
N LEU A 56 -16.57 16.03 -7.70
CA LEU A 56 -15.74 14.95 -8.23
C LEU A 56 -15.00 14.23 -7.11
N GLY A 57 -14.43 14.99 -6.19
CA GLY A 57 -13.70 14.39 -5.08
C GLY A 57 -14.57 13.48 -4.23
N SER A 58 -15.80 13.91 -3.97
CA SER A 58 -16.73 13.12 -3.18
C SER A 58 -17.12 11.84 -3.92
N LYS A 59 -17.32 11.97 -5.23
CA LYS A 59 -17.69 10.81 -6.05
C LYS A 59 -16.55 9.80 -6.04
N MET A 60 -15.33 10.27 -6.19
CA MET A 60 -14.17 9.39 -6.23
C MET A 60 -13.96 8.68 -4.89
N ASN A 61 -14.02 9.42 -3.79
CA ASN A 61 -13.82 8.77 -2.50
C ASN A 61 -14.97 7.84 -2.14
N ARG A 62 -16.17 8.14 -2.63
CA ARG A 62 -17.30 7.27 -2.36
C ARG A 62 -17.00 5.95 -3.06
N PHE A 63 -16.44 6.04 -4.27
CA PHE A 63 -16.08 4.87 -5.06
C PHE A 63 -14.98 4.07 -4.36
N PHE A 64 -13.96 4.76 -3.87
CA PHE A 64 -12.86 4.09 -3.20
C PHE A 64 -13.27 3.39 -1.91
N LEU A 65 -14.14 4.03 -1.13
CA LEU A 65 -14.58 3.43 0.13
C LEU A 65 -15.50 2.26 -0.13
N ARG A 66 -16.39 2.37 -1.11
CA ARG A 66 -17.26 1.25 -1.43
C ARG A 66 -16.37 0.11 -1.89
N GLY A 67 -15.32 0.44 -2.65
CA GLY A 67 -14.40 -0.57 -3.14
C GLY A 67 -13.70 -1.31 -2.04
N ALA A 68 -13.35 -0.60 -0.97
CA ALA A 68 -12.69 -1.22 0.17
C ALA A 68 -13.61 -2.23 0.82
N LEU A 69 -14.89 -1.88 0.94
CA LEU A 69 -15.87 -2.76 1.55
C LEU A 69 -16.20 -3.95 0.66
N VAL A 70 -16.19 -3.74 -0.66
CA VAL A 70 -16.46 -4.84 -1.57
C VAL A 70 -15.31 -5.84 -1.45
N ALA A 71 -14.08 -5.33 -1.36
CA ALA A 71 -12.90 -6.19 -1.22
C ALA A 71 -13.01 -6.97 0.08
N ARG A 72 -13.49 -6.30 1.13
CA ARG A 72 -13.66 -6.94 2.43
C ARG A 72 -14.62 -8.11 2.27
N LEU A 73 -15.74 -7.87 1.58
CA LEU A 73 -16.74 -8.91 1.35
C LEU A 73 -16.17 -10.08 0.55
N LEU A 74 -15.36 -9.78 -0.46
CA LEU A 74 -14.77 -10.83 -1.29
C LEU A 74 -13.82 -11.70 -0.48
N SER A 75 -13.02 -11.10 0.39
CA SER A 75 -12.09 -11.87 1.22
C SER A 75 -12.87 -12.76 2.20
N GLN A 76 -13.89 -12.21 2.84
CA GLN A 76 -14.69 -12.96 3.79
C GLN A 76 -15.28 -14.20 3.12
N SER A 77 -15.81 -14.01 1.92
CA SER A 77 -16.40 -15.12 1.17
C SER A 77 -15.33 -16.12 0.75
N ALA A 78 -14.18 -15.61 0.33
CA ALA A 78 -13.08 -16.48 -0.09
C ALA A 78 -12.61 -17.39 1.05
N TRP A 79 -12.55 -16.84 2.26
CA TRP A 79 -12.12 -17.62 3.41
C TRP A 79 -13.09 -18.77 3.69
N LYS A 80 -14.37 -18.54 3.42
CA LYS A 80 -15.39 -19.58 3.62
C LYS A 80 -15.25 -20.65 2.54
N GLN A 81 -14.91 -20.20 1.34
CA GLN A 81 -14.74 -21.10 0.21
C GLN A 81 -13.48 -21.95 0.34
N TYR A 82 -12.46 -21.38 0.99
CA TYR A 82 -11.19 -22.07 1.17
C TYR A 82 -10.73 -22.04 2.62
N PRO A 83 -11.44 -22.75 3.51
CA PRO A 83 -11.06 -22.76 4.93
C PRO A 83 -9.64 -23.27 5.18
N GLU A 84 -9.11 -24.07 4.26
CA GLU A 84 -7.76 -24.61 4.42
C GLU A 84 -6.67 -23.53 4.41
N HIS A 85 -7.05 -22.30 4.10
CA HIS A 85 -6.08 -21.21 4.07
C HIS A 85 -5.45 -21.02 5.45
N VAL A 86 -6.20 -21.36 6.50
CA VAL A 86 -5.72 -21.20 7.87
C VAL A 86 -4.48 -22.04 8.19
N ASP A 87 -4.26 -23.10 7.41
CA ASP A 87 -3.12 -23.98 7.66
C ASP A 87 -1.86 -23.54 6.93
N VAL A 88 -1.96 -22.45 6.16
CA VAL A 88 -0.81 -21.96 5.41
C VAL A 88 0.15 -21.20 6.32
N ALA A 89 1.40 -21.63 6.34
CA ALA A 89 2.41 -20.97 7.16
C ALA A 89 3.14 -19.96 6.29
N ILE A 90 3.39 -18.77 6.85
CA ILE A 90 4.10 -17.72 6.14
C ILE A 90 5.48 -17.66 6.80
N LYS A 91 6.49 -18.19 6.11
CA LYS A 91 7.84 -18.21 6.67
C LYS A 91 8.79 -17.14 6.15
N ARG A 92 9.38 -16.41 7.09
CA ARG A 92 10.34 -15.35 6.80
C ARG A 92 10.00 -14.50 5.58
N PRO A 93 8.85 -13.84 5.60
CA PRO A 93 8.43 -12.99 4.48
C PRO A 93 9.30 -11.74 4.43
N ILE A 94 9.44 -11.16 3.25
CA ILE A 94 10.22 -9.94 3.07
C ILE A 94 9.27 -8.76 2.91
N PHE A 95 9.51 -7.72 3.70
CA PHE A 95 8.71 -6.50 3.65
C PHE A 95 9.58 -5.32 3.24
N VAL A 96 9.19 -4.66 2.15
CA VAL A 96 9.92 -3.50 1.67
C VAL A 96 9.11 -2.26 2.05
N THR A 97 9.78 -1.23 2.53
CA THR A 97 9.08 -0.02 2.88
C THR A 97 9.99 1.19 2.73
N GLY A 98 9.39 2.37 2.76
CA GLY A 98 10.12 3.60 2.60
C GLY A 98 9.20 4.58 1.89
N LEU A 99 9.65 5.81 1.69
CA LEU A 99 8.84 6.81 1.01
C LEU A 99 8.76 6.56 -0.48
N VAL A 100 7.76 7.16 -1.10
CA VAL A 100 7.62 7.03 -2.55
C VAL A 100 8.84 7.80 -3.08
N ARG A 101 9.33 7.42 -4.25
CA ARG A 101 10.49 8.05 -4.88
C ARG A 101 11.82 7.67 -4.24
N THR A 102 11.86 6.56 -3.50
CA THR A 102 13.10 6.12 -2.87
C THR A 102 13.55 4.75 -3.37
N GLY A 103 12.85 4.22 -4.36
CA GLY A 103 13.22 2.93 -4.92
C GLY A 103 12.45 1.72 -4.43
N THR A 104 11.39 1.91 -3.66
CA THR A 104 10.63 0.78 -3.16
C THR A 104 10.00 -0.05 -4.28
N THR A 105 9.52 0.61 -5.33
CA THR A 105 8.90 -0.10 -6.44
C THR A 105 9.92 -0.97 -7.17
N ALA A 106 11.10 -0.41 -7.44
CA ALA A 106 12.14 -1.16 -8.14
C ALA A 106 12.56 -2.38 -7.32
N LEU A 107 12.70 -2.19 -6.02
CA LEU A 107 13.11 -3.28 -5.13
C LEU A 107 12.02 -4.33 -5.05
N HIS A 108 10.77 -3.88 -4.97
CA HIS A 108 9.61 -4.75 -4.90
C HIS A 108 9.57 -5.69 -6.11
N ARG A 109 9.74 -5.12 -7.30
CA ARG A 109 9.72 -5.90 -8.53
C ARG A 109 10.90 -6.86 -8.61
N LEU A 110 12.06 -6.42 -8.15
CA LEU A 110 13.24 -7.28 -8.17
C LEU A 110 13.09 -8.47 -7.24
N LEU A 111 12.83 -8.20 -5.95
CA LEU A 111 12.68 -9.28 -4.99
C LEU A 111 11.49 -10.18 -5.33
N GLY A 112 10.45 -9.59 -5.92
CA GLY A 112 9.28 -10.37 -6.29
C GLY A 112 9.46 -11.18 -7.57
N ALA A 113 10.57 -10.95 -8.26
CA ALA A 113 10.86 -11.65 -9.51
C ALA A 113 11.43 -13.06 -9.28
N ASP A 114 11.97 -13.29 -8.10
CA ASP A 114 12.52 -14.60 -7.76
C ASP A 114 11.41 -15.63 -7.91
N PRO A 115 11.62 -16.67 -8.74
CA PRO A 115 10.61 -17.71 -8.95
C PRO A 115 10.21 -18.44 -7.66
N ALA A 116 11.07 -18.37 -6.65
CA ALA A 116 10.82 -19.02 -5.37
C ALA A 116 10.09 -18.07 -4.43
N HIS A 117 9.77 -16.89 -4.93
CA HIS A 117 9.04 -15.88 -4.15
C HIS A 117 7.68 -15.63 -4.80
N GLN A 118 6.81 -14.94 -4.06
CA GLN A 118 5.49 -14.61 -4.59
C GLN A 118 5.13 -13.21 -4.11
N GLY A 119 4.45 -12.46 -4.98
CA GLY A 119 4.03 -11.11 -4.65
C GLY A 119 2.54 -10.93 -4.78
N LEU A 120 2.04 -9.79 -4.33
CA LEU A 120 0.61 -9.48 -4.38
C LEU A 120 0.17 -8.96 -5.74
N HIS A 121 -0.15 -9.87 -6.65
CA HIS A 121 -0.58 -9.47 -7.98
C HIS A 121 -1.80 -8.59 -7.89
N MET A 122 -1.78 -7.51 -8.67
CA MET A 122 -2.86 -6.53 -8.70
C MET A 122 -4.26 -7.13 -8.74
N TRP A 123 -4.53 -8.02 -9.69
CA TRP A 123 -5.87 -8.57 -9.80
C TRP A 123 -6.32 -9.38 -8.59
N LEU A 124 -5.36 -9.95 -7.86
CA LEU A 124 -5.70 -10.73 -6.69
C LEU A 124 -5.95 -9.81 -5.50
N ALA A 125 -5.32 -8.64 -5.51
CA ALA A 125 -5.53 -7.67 -4.44
C ALA A 125 -6.90 -7.05 -4.65
N GLU A 126 -7.29 -6.90 -5.91
CA GLU A 126 -8.59 -6.33 -6.24
C GLU A 126 -9.68 -7.38 -6.02
N TYR A 127 -9.33 -8.64 -6.22
CA TYR A 127 -10.28 -9.74 -6.06
C TYR A 127 -9.61 -10.91 -5.34
N PRO A 128 -9.51 -10.82 -4.01
CA PRO A 128 -8.89 -11.87 -3.18
C PRO A 128 -9.41 -13.28 -3.47
N GLN A 129 -8.47 -14.19 -3.71
CA GLN A 129 -8.78 -15.57 -4.03
C GLN A 129 -7.44 -16.31 -4.18
N PRO A 130 -7.47 -17.64 -4.15
CA PRO A 130 -6.21 -18.38 -4.31
C PRO A 130 -5.64 -18.10 -5.70
N ARG A 131 -4.34 -17.82 -5.77
CA ARG A 131 -3.69 -17.54 -7.04
C ARG A 131 -3.68 -18.75 -7.97
N PRO A 132 -4.36 -18.66 -9.12
CA PRO A 132 -4.38 -19.80 -10.05
C PRO A 132 -3.02 -19.92 -10.74
N PRO A 133 -2.74 -21.08 -11.35
CA PRO A 133 -1.45 -21.23 -12.03
C PRO A 133 -1.32 -20.13 -13.08
N ARG A 134 -0.14 -19.53 -13.16
CA ARG A 134 0.13 -18.42 -14.07
C ARG A 134 -0.34 -18.62 -15.50
N GLU A 135 -0.09 -19.80 -16.07
CA GLU A 135 -0.45 -20.08 -17.45
C GLU A 135 -1.96 -20.02 -17.74
N THR A 136 -2.77 -19.97 -16.69
CA THR A 136 -4.23 -19.95 -16.87
C THR A 136 -4.86 -18.56 -16.82
N TRP A 137 -4.10 -17.56 -16.38
CA TRP A 137 -4.65 -16.22 -16.24
C TRP A 137 -5.34 -15.65 -17.47
N GLU A 138 -4.71 -15.76 -18.64
CA GLU A 138 -5.29 -15.22 -19.86
C GLU A 138 -6.60 -15.89 -20.27
N SER A 139 -6.94 -16.98 -19.59
CA SER A 139 -8.16 -17.72 -19.88
C SER A 139 -9.13 -17.63 -18.70
N ASN A 140 -8.69 -16.94 -17.65
CA ASN A 140 -9.49 -16.78 -16.44
C ASN A 140 -10.49 -15.63 -16.55
N PRO A 141 -11.78 -15.92 -16.34
CA PRO A 141 -12.85 -14.93 -16.43
C PRO A 141 -12.58 -13.66 -15.63
N LEU A 142 -12.21 -13.82 -14.36
CA LEU A 142 -11.95 -12.67 -13.50
C LEU A 142 -10.70 -11.88 -13.91
N TYR A 143 -9.62 -12.58 -14.26
CA TYR A 143 -8.40 -11.88 -14.67
C TYR A 143 -8.68 -11.06 -15.92
N ARG A 144 -9.29 -11.70 -16.91
CA ARG A 144 -9.63 -11.03 -18.17
C ARG A 144 -10.55 -9.86 -17.90
N GLN A 145 -11.50 -10.05 -16.98
CA GLN A 145 -12.44 -9.02 -16.60
C GLN A 145 -11.68 -7.80 -16.09
N LEU A 146 -10.79 -8.01 -15.14
CA LEU A 146 -10.00 -6.92 -14.56
C LEU A 146 -9.01 -6.37 -15.58
N ASP A 147 -8.38 -7.25 -16.35
CA ASP A 147 -7.41 -6.84 -17.36
C ASP A 147 -8.07 -5.94 -18.40
N ALA A 148 -9.35 -6.19 -18.66
CA ALA A 148 -10.10 -5.40 -19.62
C ALA A 148 -10.34 -3.99 -19.10
N ASP A 149 -10.66 -3.88 -17.82
CA ASP A 149 -10.90 -2.57 -17.21
C ASP A 149 -9.68 -1.69 -17.33
N PHE A 150 -8.51 -2.25 -17.03
CA PHE A 150 -7.25 -1.50 -17.11
C PHE A 150 -7.00 -0.99 -18.52
N THR A 151 -6.86 -1.91 -19.47
CA THR A 151 -6.62 -1.57 -20.86
C THR A 151 -7.62 -0.51 -21.33
N GLN A 152 -8.83 -0.59 -20.80
CA GLN A 152 -9.89 0.35 -21.15
C GLN A 152 -9.59 1.74 -20.60
N HIS A 153 -9.61 1.87 -19.28
CA HIS A 153 -9.35 3.14 -18.62
C HIS A 153 -8.02 3.75 -19.08
N HIS A 154 -7.08 2.89 -19.45
CA HIS A 154 -5.78 3.35 -19.93
C HIS A 154 -5.93 4.06 -21.26
N ALA A 155 -6.63 3.41 -22.20
CA ALA A 155 -6.86 3.97 -23.53
C ALA A 155 -7.60 5.30 -23.43
N GLU A 156 -8.49 5.39 -22.45
CA GLU A 156 -9.27 6.61 -22.22
C GLU A 156 -8.35 7.81 -22.07
N ASN A 157 -7.64 7.84 -20.94
CA ASN A 157 -6.71 8.93 -20.66
C ASN A 157 -5.33 8.40 -20.32
N PRO A 158 -4.36 8.56 -21.25
CA PRO A 158 -2.98 8.09 -21.05
C PRO A 158 -2.35 8.68 -19.78
N GLY A 159 -2.71 8.12 -18.64
CA GLY A 159 -2.17 8.57 -17.37
C GLY A 159 -2.24 10.08 -17.15
N TYR A 160 -1.75 10.52 -16.00
CA TYR A 160 -1.73 11.95 -15.66
C TYR A 160 -3.11 12.57 -15.44
N THR A 161 -3.15 13.56 -14.56
CA THR A 161 -4.39 14.26 -14.23
C THR A 161 -5.46 13.31 -13.71
N GLY A 162 -5.35 12.95 -12.44
CA GLY A 162 -6.32 12.05 -11.84
C GLY A 162 -5.73 10.74 -11.37
N LEU A 163 -6.60 9.77 -11.11
CA LEU A 163 -6.17 8.45 -10.65
C LEU A 163 -5.13 7.86 -11.59
N HIS A 164 -4.76 6.61 -11.28
CA HIS A 164 -3.78 5.88 -12.05
C HIS A 164 -3.94 4.41 -11.71
N PHE A 165 -4.13 3.58 -12.72
CA PHE A 165 -4.31 2.15 -12.52
C PHE A 165 -3.01 1.41 -12.78
N MET A 166 -3.04 0.10 -12.50
CA MET A 166 -1.88 -0.74 -12.68
C MET A 166 -2.26 -1.97 -13.50
N ALA A 167 -1.28 -2.55 -14.20
CA ALA A 167 -1.54 -3.74 -14.99
C ALA A 167 -1.99 -4.85 -14.05
N ALA A 168 -2.94 -5.65 -14.48
CA ALA A 168 -3.49 -6.74 -13.67
C ALA A 168 -2.44 -7.72 -13.13
N TYR A 169 -1.35 -7.89 -13.85
CA TYR A 169 -0.31 -8.83 -13.45
C TYR A 169 0.83 -8.22 -12.63
N GLU A 170 0.83 -6.89 -12.50
CA GLU A 170 1.87 -6.21 -11.74
C GLU A 170 1.68 -6.37 -10.23
N LEU A 171 2.77 -6.24 -9.49
CA LEU A 171 2.70 -6.37 -8.03
C LEU A 171 2.17 -5.10 -7.38
N GLU A 172 1.20 -5.28 -6.49
CA GLU A 172 0.57 -4.18 -5.78
C GLU A 172 1.06 -4.01 -4.34
N GLU A 173 0.81 -2.82 -3.79
CA GLU A 173 1.20 -2.50 -2.43
C GLU A 173 0.16 -3.02 -1.43
N CYS A 174 0.59 -3.20 -0.19
CA CYS A 174 -0.28 -3.73 0.86
C CYS A 174 -1.51 -2.90 1.20
N TRP A 175 -1.53 -1.62 0.86
CA TRP A 175 -2.71 -0.82 1.19
C TRP A 175 -3.94 -1.40 0.50
N GLN A 176 -3.73 -2.13 -0.60
CA GLN A 176 -4.84 -2.74 -1.30
C GLN A 176 -5.53 -3.78 -0.43
N LEU A 177 -4.79 -4.32 0.54
CA LEU A 177 -5.35 -5.28 1.48
C LEU A 177 -5.78 -4.59 2.76
N LEU A 178 -4.93 -3.71 3.28
CA LEU A 178 -5.22 -2.99 4.52
C LEU A 178 -6.46 -2.09 4.43
N ARG A 179 -6.80 -1.67 3.23
CA ARG A 179 -7.99 -0.82 3.05
C ARG A 179 -9.23 -1.57 3.52
N GLN A 180 -9.18 -2.89 3.53
CA GLN A 180 -10.32 -3.69 3.97
C GLN A 180 -10.68 -3.36 5.41
N SER A 181 -9.67 -2.94 6.18
CA SER A 181 -9.84 -2.57 7.59
C SER A 181 -9.93 -1.06 7.76
N LEU A 182 -9.87 -0.34 6.65
CA LEU A 182 -9.91 1.12 6.67
C LEU A 182 -8.79 1.73 7.53
N HIS A 183 -7.67 1.01 7.61
CA HIS A 183 -6.48 1.47 8.33
C HIS A 183 -5.41 1.58 7.26
N SER A 184 -5.09 2.80 6.84
CA SER A 184 -4.12 3.01 5.78
C SER A 184 -3.59 4.44 5.77
N VAL A 185 -2.29 4.60 5.49
CA VAL A 185 -1.73 5.94 5.42
C VAL A 185 -1.89 6.52 4.02
N SER A 186 -2.57 5.78 3.14
CA SER A 186 -2.79 6.26 1.77
C SER A 186 -3.79 7.42 1.77
N TYR A 187 -4.77 7.35 2.65
CA TYR A 187 -5.81 8.38 2.70
C TYR A 187 -5.29 9.79 2.96
N GLU A 188 -4.45 9.94 3.97
CA GLU A 188 -3.91 11.25 4.32
C GLU A 188 -2.92 11.80 3.31
N ALA A 189 -2.45 10.95 2.40
CA ALA A 189 -1.51 11.38 1.37
C ALA A 189 -2.25 11.77 0.08
N LEU A 190 -3.57 11.57 0.07
CA LEU A 190 -4.39 11.88 -1.10
C LEU A 190 -5.51 12.85 -0.78
N ALA A 191 -5.60 13.26 0.48
CA ALA A 191 -6.65 14.18 0.91
C ALA A 191 -6.23 14.82 2.22
N HIS A 192 -6.85 15.97 2.52
CA HIS A 192 -6.55 16.67 3.76
C HIS A 192 -7.48 16.10 4.83
N VAL A 193 -7.01 15.11 5.56
CA VAL A 193 -7.81 14.49 6.61
C VAL A 193 -6.98 14.36 7.89
N PRO A 194 -6.51 15.49 8.42
CA PRO A 194 -5.71 15.47 9.64
C PRO A 194 -6.36 14.77 10.84
N SER A 195 -7.68 14.83 10.95
CA SER A 195 -8.35 14.17 12.06
C SER A 195 -8.19 12.66 11.96
N TYR A 196 -8.23 12.14 10.73
CA TYR A 196 -8.06 10.71 10.56
C TYR A 196 -6.58 10.34 10.74
N ALA A 197 -5.69 11.16 10.21
CA ALA A 197 -4.25 10.89 10.35
C ALA A 197 -3.89 10.82 11.83
N ASP A 198 -4.43 11.75 12.61
CA ASP A 198 -4.18 11.83 14.05
C ASP A 198 -4.73 10.59 14.75
N TRP A 199 -5.96 10.23 14.42
CA TRP A 199 -6.60 9.07 15.00
C TRP A 199 -5.77 7.81 14.68
N LEU A 200 -5.39 7.66 13.42
CA LEU A 200 -4.63 6.50 13.00
C LEU A 200 -3.30 6.38 13.75
N SER A 201 -2.65 7.52 14.02
CA SER A 201 -1.37 7.50 14.72
C SER A 201 -1.48 6.95 16.14
N ARG A 202 -2.70 6.89 16.67
CA ARG A 202 -2.94 6.38 18.02
C ARG A 202 -3.47 4.95 18.04
N GLN A 203 -3.67 4.36 16.87
CA GLN A 203 -4.23 3.01 16.79
C GLN A 203 -3.25 1.85 16.83
N ASP A 204 -3.74 0.72 17.29
CA ASP A 204 -2.96 -0.51 17.32
C ASP A 204 -3.25 -1.14 15.96
N TRP A 205 -2.22 -1.27 15.12
CA TRP A 205 -2.39 -1.84 13.80
C TRP A 205 -2.44 -3.36 13.77
N THR A 206 -2.17 -4.00 14.91
CA THR A 206 -2.14 -5.45 14.93
C THR A 206 -3.34 -6.16 14.31
N PRO A 207 -4.57 -5.78 14.69
CA PRO A 207 -5.72 -6.46 14.09
C PRO A 207 -5.74 -6.35 12.56
N SER A 208 -5.33 -5.20 12.04
CA SER A 208 -5.29 -4.98 10.61
C SER A 208 -4.23 -5.86 9.95
N TYR A 209 -3.08 -6.02 10.62
CA TYR A 209 -2.04 -6.85 10.05
C TYR A 209 -2.41 -8.33 10.15
N CYS A 210 -3.18 -8.69 11.16
CA CYS A 210 -3.61 -10.08 11.30
C CYS A 210 -4.52 -10.41 10.10
N ARG A 211 -5.34 -9.44 9.69
CA ARG A 211 -6.22 -9.66 8.55
C ARG A 211 -5.36 -9.73 7.27
N HIS A 212 -4.34 -8.89 7.21
CA HIS A 212 -3.42 -8.86 6.08
C HIS A 212 -2.85 -10.28 5.90
N ARG A 213 -2.43 -10.88 7.01
CA ARG A 213 -1.86 -12.23 6.98
C ARG A 213 -2.87 -13.27 6.51
N ARG A 214 -4.12 -13.17 6.98
CA ARG A 214 -5.16 -14.10 6.55
C ARG A 214 -5.34 -14.00 5.04
N ASN A 215 -5.20 -12.79 4.50
CA ASN A 215 -5.32 -12.61 3.06
C ASN A 215 -4.12 -13.20 2.32
N LEU A 216 -2.93 -13.12 2.91
CA LEU A 216 -1.76 -13.72 2.26
C LEU A 216 -1.92 -15.24 2.26
N GLN A 217 -2.46 -15.79 3.34
CA GLN A 217 -2.68 -17.24 3.44
C GLN A 217 -3.64 -17.68 2.34
N LEU A 218 -4.68 -16.90 2.12
CA LEU A 218 -5.69 -17.21 1.11
C LEU A 218 -5.13 -17.09 -0.31
N ILE A 219 -4.56 -15.93 -0.62
CA ILE A 219 -4.01 -15.71 -1.96
C ILE A 219 -2.85 -16.65 -2.26
N GLY A 220 -2.07 -16.99 -1.23
CA GLY A 220 -0.94 -17.88 -1.42
C GLY A 220 -1.21 -19.35 -1.15
N LEU A 221 -2.49 -19.72 -1.09
CA LEU A 221 -2.88 -21.10 -0.83
C LEU A 221 -2.27 -22.15 -1.75
N ASN A 222 -2.06 -21.79 -3.02
CA ASN A 222 -1.48 -22.71 -3.99
C ASN A 222 0.03 -22.55 -4.16
N ASP A 223 0.63 -21.64 -3.39
CA ASP A 223 2.05 -21.38 -3.47
C ASP A 223 2.67 -21.33 -2.08
N ALA A 224 2.21 -22.22 -1.21
CA ALA A 224 2.68 -22.27 0.18
C ALA A 224 4.18 -22.33 0.38
N GLU A 225 4.91 -22.92 -0.57
CA GLU A 225 6.36 -23.05 -0.44
C GLU A 225 7.12 -21.79 -0.85
N LYS A 226 6.41 -20.82 -1.42
CA LYS A 226 7.06 -19.58 -1.86
C LYS A 226 7.05 -18.49 -0.81
N ARG A 227 8.18 -17.78 -0.69
CA ARG A 227 8.31 -16.70 0.28
C ARG A 227 7.57 -15.47 -0.21
N TRP A 228 6.78 -14.88 0.67
CA TRP A 228 6.03 -13.68 0.31
C TRP A 228 6.95 -12.46 0.32
N VAL A 229 6.69 -11.55 -0.62
CA VAL A 229 7.42 -10.30 -0.74
C VAL A 229 6.35 -9.22 -0.78
N LEU A 230 6.42 -8.29 0.16
CA LEU A 230 5.44 -7.21 0.26
C LEU A 230 6.11 -5.85 0.20
N LYS A 231 5.34 -4.83 -0.15
CA LYS A 231 5.85 -3.46 -0.16
C LYS A 231 4.71 -2.50 0.11
N ASN A 232 4.94 -1.56 1.02
CA ASN A 232 3.92 -0.58 1.37
C ASN A 232 4.42 0.46 2.35
N PRO A 233 3.96 1.71 2.22
CA PRO A 233 4.41 2.76 3.14
C PRO A 233 3.96 2.53 4.60
N SER A 234 2.85 1.81 4.81
CA SER A 234 2.35 1.60 6.16
C SER A 234 3.33 0.88 7.08
N HIS A 235 4.21 0.08 6.52
CA HIS A 235 5.15 -0.67 7.33
C HIS A 235 6.07 0.22 8.15
N LEU A 236 6.20 1.48 7.75
CA LEU A 236 7.00 2.44 8.50
C LEU A 236 6.30 2.80 9.80
N PHE A 237 4.97 2.91 9.72
CA PHE A 237 4.12 3.30 10.84
C PHE A 237 3.67 2.16 11.74
N ALA A 238 3.64 0.95 11.20
CA ALA A 238 3.12 -0.20 11.93
C ALA A 238 4.10 -1.34 12.13
N LEU A 239 5.37 -1.03 12.34
CA LEU A 239 6.36 -2.07 12.51
C LEU A 239 6.05 -3.02 13.67
N ASP A 240 5.55 -2.49 14.79
CA ASP A 240 5.25 -3.37 15.92
C ASP A 240 4.17 -4.38 15.53
N ALA A 241 3.15 -3.93 14.80
CA ALA A 241 2.08 -4.82 14.38
C ALA A 241 2.62 -5.82 13.38
N LEU A 242 3.51 -5.36 12.51
CA LEU A 242 4.11 -6.21 11.51
C LEU A 242 4.89 -7.34 12.19
N MET A 243 5.75 -6.99 13.14
CA MET A 243 6.54 -8.00 13.84
C MET A 243 5.69 -8.92 14.73
N ALA A 244 4.59 -8.40 15.27
CA ALA A 244 3.73 -9.23 16.10
C ALA A 244 3.05 -10.29 15.24
N THR A 245 2.70 -9.90 14.02
CA THR A 245 2.03 -10.79 13.08
C THR A 245 2.99 -11.71 12.33
N TYR A 246 4.18 -11.18 12.03
CA TYR A 246 5.22 -11.92 11.30
C TYR A 246 6.52 -11.77 12.11
N PRO A 247 6.65 -12.51 13.22
CA PRO A 247 7.83 -12.45 14.07
C PRO A 247 9.19 -12.65 13.40
N ASP A 248 9.21 -13.44 12.33
CA ASP A 248 10.43 -13.73 11.60
C ASP A 248 10.59 -12.92 10.32
N ALA A 249 9.88 -11.80 10.22
CA ALA A 249 9.94 -10.97 9.03
C ALA A 249 11.32 -10.39 8.72
N LEU A 250 11.58 -10.21 7.43
CA LEU A 250 12.83 -9.63 6.95
C LEU A 250 12.38 -8.29 6.37
N VAL A 251 12.83 -7.21 7.00
CA VAL A 251 12.43 -5.87 6.58
C VAL A 251 13.53 -5.08 5.90
N VAL A 252 13.21 -4.53 4.72
CA VAL A 252 14.15 -3.72 3.96
C VAL A 252 13.60 -2.31 3.81
N GLN A 253 14.37 -1.32 4.26
CA GLN A 253 13.97 0.07 4.17
C GLN A 253 14.84 0.82 3.17
N THR A 254 14.20 1.54 2.26
CA THR A 254 14.94 2.33 1.28
C THR A 254 15.17 3.71 1.85
N HIS A 255 16.25 4.36 1.42
CA HIS A 255 16.61 5.69 1.91
C HIS A 255 17.02 6.63 0.79
N ARG A 256 16.65 7.89 0.96
CA ARG A 256 17.02 8.94 0.01
C ARG A 256 16.76 10.24 0.73
N PRO A 257 17.72 11.18 0.72
CA PRO A 257 17.53 12.47 1.40
C PRO A 257 16.18 13.06 0.99
N VAL A 258 15.29 13.21 1.98
CA VAL A 258 13.95 13.69 1.70
C VAL A 258 13.85 15.06 1.04
N GLU A 259 14.80 15.95 1.31
CA GLU A 259 14.75 17.27 0.68
C GLU A 259 14.88 17.17 -0.84
N THR A 260 15.40 16.04 -1.33
CA THR A 260 15.56 15.86 -2.77
C THR A 260 14.35 15.24 -3.45
N ILE A 261 13.36 14.83 -2.67
CA ILE A 261 12.16 14.22 -3.25
C ILE A 261 10.83 14.80 -2.77
N MET A 262 10.85 15.63 -1.73
CA MET A 262 9.62 16.20 -1.19
C MET A 262 8.78 16.92 -2.25
N ALA A 263 9.40 17.73 -3.10
CA ALA A 263 8.63 18.43 -4.13
C ALA A 263 7.97 17.42 -5.07
N SER A 264 8.73 16.40 -5.46
CA SER A 264 8.23 15.37 -6.37
C SER A 264 7.06 14.62 -5.73
N MET A 265 7.18 14.35 -4.43
CA MET A 265 6.13 13.64 -3.69
C MET A 265 4.85 14.46 -3.71
N CYS A 266 4.98 15.77 -3.46
CA CYS A 266 3.83 16.66 -3.44
C CYS A 266 3.21 16.81 -4.83
N SER A 267 4.06 16.89 -5.84
CA SER A 267 3.59 17.04 -7.21
C SER A 267 2.79 15.81 -7.62
N LEU A 268 3.25 14.63 -7.21
CA LEU A 268 2.54 13.39 -7.54
C LEU A 268 1.14 13.43 -6.91
N ALA A 269 1.08 13.81 -5.64
CA ALA A 269 -0.19 13.88 -4.93
C ALA A 269 -1.11 14.91 -5.58
N GLN A 270 -0.53 16.04 -5.96
CA GLN A 270 -1.27 17.12 -6.60
C GLN A 270 -1.91 16.67 -7.91
N HIS A 271 -1.12 16.07 -8.78
CA HIS A 271 -1.63 15.61 -10.07
C HIS A 271 -2.63 14.46 -9.94
N THR A 272 -2.38 13.56 -9.01
CA THR A 272 -3.28 12.43 -8.82
C THR A 272 -4.66 12.88 -8.37
N THR A 273 -4.69 13.86 -7.47
CA THR A 273 -5.94 14.36 -6.89
C THR A 273 -6.46 15.68 -7.47
N GLU A 274 -5.96 16.06 -8.63
CA GLU A 274 -6.38 17.31 -9.27
C GLU A 274 -7.90 17.38 -9.44
N GLY A 275 -8.50 18.45 -8.95
CA GLY A 275 -9.94 18.62 -9.07
C GLY A 275 -10.78 17.92 -8.02
N TRP A 276 -10.15 17.21 -7.10
CA TRP A 276 -10.89 16.49 -6.05
C TRP A 276 -11.17 17.32 -4.81
N SER A 277 -10.42 18.39 -4.62
CA SER A 277 -10.56 19.21 -3.43
C SER A 277 -10.05 20.63 -3.63
N THR A 278 -10.61 21.57 -2.88
CA THR A 278 -10.17 22.95 -2.95
C THR A 278 -9.26 23.24 -1.77
N LYS A 279 -9.13 22.25 -0.87
CA LYS A 279 -8.30 22.37 0.33
C LYS A 279 -6.96 21.66 0.20
N PHE A 280 -6.97 20.44 -0.34
CA PHE A 280 -5.74 19.67 -0.51
C PHE A 280 -5.05 20.10 -1.80
N VAL A 281 -4.41 21.26 -1.74
CA VAL A 281 -3.70 21.84 -2.86
C VAL A 281 -2.50 22.63 -2.34
N GLY A 282 -1.57 22.94 -3.24
CA GLY A 282 -0.40 23.72 -2.90
C GLY A 282 0.26 23.52 -1.54
N ALA A 283 0.34 24.61 -0.77
CA ALA A 283 0.98 24.59 0.53
C ALA A 283 0.38 23.58 1.51
N GLN A 284 -0.90 23.31 1.39
CA GLN A 284 -1.53 22.35 2.30
C GLN A 284 -0.99 20.94 2.04
N ILE A 285 -0.75 20.62 0.77
CA ILE A 285 -0.20 19.30 0.46
C ILE A 285 1.20 19.19 1.07
N GLY A 286 1.96 20.28 0.99
CA GLY A 286 3.30 20.27 1.54
C GLY A 286 3.29 20.09 3.05
N ALA A 287 2.41 20.82 3.73
CA ALA A 287 2.31 20.74 5.18
C ALA A 287 1.92 19.34 5.61
N ASP A 288 0.92 18.77 4.95
CA ASP A 288 0.46 17.42 5.28
C ASP A 288 1.53 16.36 5.02
N ALA A 289 2.25 16.50 3.91
CA ALA A 289 3.29 15.52 3.56
C ALA A 289 4.46 15.60 4.54
N MET A 290 4.81 16.82 4.95
CA MET A 290 5.90 16.98 5.91
C MET A 290 5.55 16.26 7.20
N ASP A 291 4.30 16.38 7.62
CA ASP A 291 3.85 15.74 8.85
C ASP A 291 3.78 14.22 8.72
N THR A 292 3.07 13.74 7.70
CA THR A 292 2.92 12.32 7.47
C THR A 292 4.21 11.54 7.40
N TRP A 293 5.11 11.94 6.51
CA TRP A 293 6.34 11.21 6.32
C TRP A 293 7.41 11.38 7.39
N SER A 294 7.40 12.49 8.11
CA SER A 294 8.39 12.63 9.19
C SER A 294 7.92 11.72 10.32
N ARG A 295 6.61 11.57 10.49
CA ARG A 295 6.07 10.68 11.52
C ARG A 295 6.40 9.24 11.14
N GLY A 296 6.19 8.90 9.87
CA GLY A 296 6.47 7.55 9.42
C GLY A 296 7.91 7.13 9.65
N LEU A 297 8.85 7.97 9.23
CA LEU A 297 10.26 7.64 9.40
C LEU A 297 10.67 7.60 10.87
N GLU A 298 10.14 8.53 11.68
CA GLU A 298 10.47 8.58 13.09
C GLU A 298 9.89 7.35 13.81
N ARG A 299 8.65 7.00 13.51
CA ARG A 299 8.02 5.85 14.14
C ARG A 299 8.72 4.55 13.78
N PHE A 300 9.22 4.44 12.56
CA PHE A 300 9.93 3.24 12.13
C PHE A 300 11.22 3.13 12.93
N ASN A 301 11.96 4.23 13.03
CA ASN A 301 13.21 4.22 13.79
C ASN A 301 12.98 3.85 15.25
N ALA A 302 11.97 4.47 15.86
CA ALA A 302 11.68 4.21 17.27
C ALA A 302 11.32 2.76 17.55
N ALA A 303 10.50 2.18 16.68
CA ALA A 303 10.06 0.80 16.86
C ALA A 303 11.11 -0.24 16.50
N ARG A 304 11.91 0.05 15.47
CA ARG A 304 12.93 -0.87 15.01
C ARG A 304 13.98 -1.22 16.07
N ALA A 305 14.27 -0.28 16.96
CA ALA A 305 15.27 -0.50 18.00
C ALA A 305 15.06 -1.72 18.90
N LYS A 306 13.82 -2.08 19.16
CA LYS A 306 13.54 -3.22 20.04
C LYS A 306 13.66 -4.59 19.39
N TYR A 307 13.89 -4.63 18.09
CA TYR A 307 13.98 -5.90 17.38
C TYR A 307 15.40 -6.27 16.98
N ASP A 308 15.57 -7.53 16.58
CA ASP A 308 16.87 -8.05 16.15
C ASP A 308 17.28 -7.38 14.85
N SER A 309 18.41 -6.68 14.86
CA SER A 309 18.90 -6.00 13.66
C SER A 309 19.20 -6.96 12.51
N ALA A 310 19.35 -8.25 12.82
CA ALA A 310 19.62 -9.23 11.78
C ALA A 310 18.43 -9.32 10.81
N GLN A 311 17.27 -8.85 11.25
CA GLN A 311 16.07 -8.91 10.42
C GLN A 311 15.80 -7.62 9.65
N PHE A 312 16.77 -6.71 9.65
CA PHE A 312 16.61 -5.43 8.95
C PHE A 312 17.77 -5.12 8.02
N TYR A 313 17.46 -4.42 6.93
CA TYR A 313 18.47 -4.03 5.96
C TYR A 313 18.11 -2.66 5.41
N ASP A 314 19.10 -1.78 5.32
CA ASP A 314 18.90 -0.44 4.79
C ASP A 314 19.52 -0.32 3.41
N VAL A 315 18.73 0.15 2.45
CA VAL A 315 19.20 0.32 1.08
C VAL A 315 19.21 1.79 0.70
N ASP A 316 20.33 2.25 0.16
CA ASP A 316 20.43 3.65 -0.27
C ASP A 316 20.05 3.73 -1.73
N TYR A 317 19.20 4.70 -2.07
CA TYR A 317 18.74 4.88 -3.44
C TYR A 317 19.91 4.93 -4.42
N HIS A 318 20.97 5.65 -4.04
CA HIS A 318 22.14 5.78 -4.90
C HIS A 318 22.93 4.48 -5.08
N ASP A 319 22.96 3.64 -4.05
CA ASP A 319 23.66 2.37 -4.15
C ASP A 319 22.80 1.41 -4.97
N LEU A 320 21.50 1.63 -4.93
CA LEU A 320 20.54 0.80 -5.65
C LEU A 320 20.58 1.05 -7.16
N ILE A 321 20.28 2.27 -7.55
CA ILE A 321 20.27 2.65 -8.97
C ILE A 321 21.53 2.24 -9.71
N ALA A 322 22.68 2.46 -9.08
CA ALA A 322 23.96 2.13 -9.67
C ALA A 322 24.08 0.64 -10.02
N ASP A 323 23.59 -0.23 -9.14
CA ASP A 323 23.68 -1.66 -9.36
C ASP A 323 22.57 -2.44 -8.65
N PRO A 324 21.43 -2.65 -9.35
CA PRO A 324 20.27 -3.38 -8.81
C PRO A 324 20.58 -4.80 -8.35
N LEU A 325 21.19 -5.60 -9.22
CA LEU A 325 21.51 -6.98 -8.90
C LEU A 325 22.51 -7.11 -7.75
N GLY A 326 23.49 -6.21 -7.68
CA GLY A 326 24.47 -6.27 -6.62
C GLY A 326 23.82 -5.97 -5.28
N THR A 327 22.90 -5.02 -5.28
CA THR A 327 22.19 -4.63 -4.06
C THR A 327 21.33 -5.80 -3.59
N VAL A 328 20.59 -6.41 -4.52
CA VAL A 328 19.74 -7.54 -4.20
C VAL A 328 20.58 -8.70 -3.69
N ALA A 329 21.73 -8.91 -4.30
CA ALA A 329 22.63 -9.99 -3.89
C ALA A 329 23.07 -9.78 -2.45
N ASP A 330 23.29 -8.53 -2.06
CA ASP A 330 23.73 -8.23 -0.70
C ASP A 330 22.57 -8.41 0.29
N ILE A 331 21.35 -8.14 -0.17
CA ILE A 331 20.18 -8.30 0.67
C ILE A 331 20.01 -9.79 0.99
N TYR A 332 20.14 -10.62 -0.04
CA TYR A 332 20.03 -12.06 0.15
C TYR A 332 21.14 -12.55 1.09
N ARG A 333 22.35 -12.05 0.88
CA ARG A 333 23.49 -12.43 1.71
C ARG A 333 23.22 -12.08 3.17
N HIS A 334 22.79 -10.84 3.40
CA HIS A 334 22.50 -10.36 4.74
C HIS A 334 21.49 -11.25 5.47
N PHE A 335 20.43 -11.63 4.79
CA PHE A 335 19.39 -12.47 5.38
C PHE A 335 19.68 -13.96 5.31
N GLY A 336 20.83 -14.33 4.78
CA GLY A 336 21.19 -15.73 4.67
C GLY A 336 20.36 -16.50 3.66
N LEU A 337 19.96 -15.83 2.59
CA LEU A 337 19.15 -16.43 1.54
C LEU A 337 20.01 -16.75 0.31
N THR A 338 19.68 -17.84 -0.36
CA THR A 338 20.40 -18.26 -1.56
C THR A 338 19.79 -17.60 -2.79
N LEU A 339 20.62 -16.94 -3.59
CA LEU A 339 20.16 -16.28 -4.80
C LEU A 339 20.43 -17.22 -5.98
N SER A 340 19.38 -17.87 -6.47
CA SER A 340 19.48 -18.82 -7.58
C SER A 340 19.75 -18.16 -8.93
N ASP A 341 20.17 -18.99 -9.89
CA ASP A 341 20.43 -18.50 -11.24
C ASP A 341 19.14 -18.04 -11.92
N GLU A 342 18.07 -18.81 -11.74
CA GLU A 342 16.80 -18.45 -12.35
C GLU A 342 16.30 -17.13 -11.78
N ALA A 343 16.56 -16.92 -10.49
CA ALA A 343 16.13 -15.69 -9.83
C ALA A 343 16.87 -14.50 -10.44
N ARG A 344 18.18 -14.64 -10.59
CA ARG A 344 19.01 -13.58 -11.17
C ARG A 344 18.56 -13.26 -12.58
N GLN A 345 18.27 -14.30 -13.36
CA GLN A 345 17.83 -14.09 -14.74
C GLN A 345 16.51 -13.33 -14.77
N ALA A 346 15.55 -13.77 -13.96
CA ALA A 346 14.25 -13.12 -13.91
C ALA A 346 14.40 -11.66 -13.48
N MET A 347 15.37 -11.40 -12.61
CA MET A 347 15.62 -10.05 -12.13
C MET A 347 16.27 -9.14 -13.18
N THR A 348 17.12 -9.72 -14.02
CA THR A 348 17.79 -8.94 -15.06
C THR A 348 16.78 -8.49 -16.10
N THR A 349 15.65 -9.19 -16.15
CA THR A 349 14.57 -8.87 -17.09
C THR A 349 13.74 -7.70 -16.60
N HIS A 363 4.55 21.36 -16.58
CA HIS A 363 5.81 22.07 -16.37
C HIS A 363 6.55 21.59 -15.12
N SER A 364 7.55 22.34 -14.71
CA SER A 364 8.35 21.98 -13.55
C SER A 364 7.67 22.26 -12.22
N TYR A 365 8.22 21.69 -11.15
CA TYR A 365 7.69 21.89 -9.82
C TYR A 365 8.84 22.23 -8.87
N SER A 366 8.52 22.90 -7.76
CA SER A 366 9.52 23.30 -6.79
C SER A 366 8.95 23.17 -5.38
N LEU A 367 9.84 23.24 -4.39
CA LEU A 367 9.40 23.17 -3.01
C LEU A 367 8.53 24.37 -2.68
N ALA A 368 8.84 25.52 -3.29
CA ALA A 368 8.08 26.74 -3.04
C ALA A 368 6.62 26.57 -3.45
N ASP A 369 6.36 25.76 -4.47
CA ASP A 369 4.99 25.54 -4.94
C ASP A 369 4.16 24.93 -3.82
N TYR A 370 4.82 24.29 -2.86
CA TYR A 370 4.12 23.65 -1.76
C TYR A 370 4.40 24.30 -0.42
N GLY A 371 4.77 25.58 -0.48
CA GLY A 371 5.06 26.36 0.72
C GLY A 371 6.24 25.90 1.55
N LEU A 372 7.20 25.26 0.90
CA LEU A 372 8.36 24.76 1.61
C LEU A 372 9.68 25.29 1.09
N THR A 373 10.70 25.20 1.95
CA THR A 373 12.05 25.60 1.58
C THR A 373 12.89 24.35 1.83
N VAL A 374 14.04 24.28 1.19
CA VAL A 374 14.91 23.12 1.38
C VAL A 374 15.34 23.04 2.84
N GLU A 375 15.50 24.20 3.47
CA GLU A 375 15.89 24.25 4.88
C GLU A 375 14.83 23.61 5.76
N MET A 376 13.56 23.89 5.47
CA MET A 376 12.47 23.32 6.24
C MET A 376 12.46 21.81 6.17
N VAL A 377 12.70 21.27 4.97
CA VAL A 377 12.69 19.83 4.81
C VAL A 377 13.87 19.17 5.51
N LYS A 378 15.06 19.74 5.37
CA LYS A 378 16.23 19.17 6.02
C LYS A 378 16.06 19.19 7.54
N GLU A 379 15.41 20.24 8.04
CA GLU A 379 15.17 20.38 9.48
C GLU A 379 14.16 19.34 9.98
N ARG A 380 13.02 19.24 9.32
CA ARG A 380 11.97 18.30 9.72
C ARG A 380 12.45 16.85 9.64
N PHE A 381 13.29 16.56 8.67
CA PHE A 381 13.80 15.20 8.49
C PHE A 381 15.21 14.95 9.00
N ALA A 382 15.68 15.81 9.91
CA ALA A 382 17.00 15.64 10.48
C ALA A 382 17.11 14.25 11.13
N GLY A 383 18.13 13.49 10.73
CA GLY A 383 18.32 12.16 11.28
C GLY A 383 17.39 11.08 10.75
N LEU A 384 16.55 11.43 9.79
CA LEU A 384 15.60 10.47 9.22
C LEU A 384 15.91 10.09 7.78
#